data_4JCI
#
_entry.id   4JCI
#
_cell.length_a   48.095
_cell.length_b   54.455
_cell.length_c   253.040
_cell.angle_alpha   90.000
_cell.angle_beta   90.000
_cell.angle_gamma   90.000
#
_symmetry.space_group_name_H-M   'P 21 21 21'
#
loop_
_entity.id
_entity.type
_entity.pdbx_description
1 polymer 'Proline racemase'
2 non-polymer 'SODIUM ION'
3 water water
#
_entity_poly.entity_id   1
_entity_poly.type   'polypeptide(L)'
_entity_poly.pdbx_seq_one_letter_code
;MHHHHHHSSGVDLGTENLYFQSMKRVHVIDSHTAGEPTRLVMEGMPALSGRTIAEKCDDFRDNHDAWRRAIMLEPRGHDV
LVGALYCAPESSDASCGVIFFNNSGYLGMCGHGTIGLVASLHHLGQLTPGCHKIDTPAGPVSATLHDDGAVTVRNVLSYR
HRRRVPVEVPGYGTVHGDIAWGGNWFFLVSDHDMTLELDNVEALTDYTWAIRQALEAQSITGENGGVIDHIELFCDDREA
DSRNFVLCPGKAYDRSPCGTGTSAKLACLAADGKLAPGQVWTQASICGSRFEAFYEREGDGIRPSIKGRAYLSADATLLI
DERDPFAWGIASP
;
_entity_poly.pdbx_strand_id   A,B
#
loop_
_chem_comp.id
_chem_comp.type
_chem_comp.name
_chem_comp.formula
NA non-polymer 'SODIUM ION' 'Na 1'
#
# COMPACT_ATOMS: atom_id res chain seq x y z
N TYR A 19 27.60 1.70 7.98
CA TYR A 19 26.27 2.31 7.62
C TYR A 19 25.18 1.21 7.66
N PHE A 20 25.02 0.46 6.57
CA PHE A 20 24.21 -0.75 6.58
C PHE A 20 24.97 -1.82 5.80
N GLN A 21 26.23 -2.07 6.15
CA GLN A 21 27.10 -2.83 5.24
C GLN A 21 26.76 -4.31 5.13
N SER A 22 26.04 -4.85 6.11
CA SER A 22 25.62 -6.25 6.04
C SER A 22 24.36 -6.46 5.19
N MET A 23 23.81 -5.38 4.64
CA MET A 23 22.59 -5.52 3.88
C MET A 23 22.81 -5.31 2.38
N LYS A 24 21.94 -5.91 1.59
CA LYS A 24 21.93 -5.68 0.15
C LYS A 24 21.19 -4.37 -0.11
N ARG A 25 21.76 -3.57 -1.01
CA ARG A 25 21.26 -2.23 -1.30
C ARG A 25 20.82 -2.15 -2.76
N VAL A 26 19.62 -1.65 -2.98
CA VAL A 26 19.10 -1.45 -4.32
C VAL A 26 18.66 0.00 -4.45
N HIS A 27 19.26 0.71 -5.38
CA HIS A 27 18.87 2.11 -5.58
C HIS A 27 17.63 2.19 -6.44
N VAL A 28 16.58 2.82 -5.92
CA VAL A 28 15.37 3.02 -6.70
C VAL A 28 14.91 4.46 -6.70
N ILE A 29 14.18 4.82 -7.73
CA ILE A 29 13.51 6.10 -7.79
C ILE A 29 12.02 5.82 -7.92
N ASP A 30 11.24 6.25 -6.92
CA ASP A 30 9.80 6.04 -6.93
C ASP A 30 9.18 7.32 -7.48
N SER A 31 8.17 7.14 -8.32
CA SER A 31 7.40 8.23 -8.92
C SER A 31 5.97 7.78 -9.01
N HIS A 32 5.08 8.70 -9.39
CA HIS A 32 3.74 8.30 -9.76
C HIS A 32 3.35 9.01 -11.03
N THR A 33 2.54 8.32 -11.80
CA THR A 33 1.96 8.84 -13.02
C THR A 33 0.47 9.04 -12.78
N ALA A 34 0.07 10.28 -12.59
CA ALA A 34 -1.36 10.59 -12.36
C ALA A 34 -1.89 9.78 -11.17
N GLY A 35 -1.01 9.45 -10.23
CA GLY A 35 -1.37 8.80 -8.98
C GLY A 35 -0.97 7.32 -8.92
N GLU A 36 -0.60 6.74 -10.06
CA GLU A 36 -0.27 5.33 -10.19
C GLU A 36 1.24 5.14 -10.10
N PRO A 37 1.71 4.45 -9.07
CA PRO A 37 3.15 4.52 -8.74
C PRO A 37 4.04 3.57 -9.51
N THR A 38 5.27 4.05 -9.77
CA THR A 38 6.29 3.30 -10.44
C THR A 38 7.56 3.31 -9.59
N ARG A 39 8.19 2.16 -9.44
CA ARG A 39 9.46 2.05 -8.75
C ARG A 39 10.53 1.71 -9.80
N LEU A 40 11.34 2.71 -10.15
CA LEU A 40 12.40 2.52 -11.13
C LEU A 40 13.66 2.05 -10.43
N VAL A 41 14.16 0.89 -10.84
CA VAL A 41 15.34 0.29 -10.22
C VAL A 41 16.60 0.58 -11.06
N MET A 42 17.60 1.23 -10.44
CA MET A 42 18.76 1.83 -11.13
C MET A 42 20.05 1.02 -10.97
N GLU A 43 20.46 0.68 -9.74
CA GLU A 43 21.70 -0.08 -9.45
C GLU A 43 21.44 -1.04 -8.30
N GLY A 44 22.15 -2.16 -8.28
CA GLY A 44 22.12 -3.11 -7.17
C GLY A 44 21.37 -4.41 -7.46
N MET A 45 20.56 -4.41 -8.51
CA MET A 45 19.78 -5.59 -8.87
C MET A 45 20.70 -6.57 -9.54
N PRO A 46 20.35 -7.84 -9.49
CA PRO A 46 21.17 -8.83 -10.16
C PRO A 46 21.42 -8.47 -11.62
N ALA A 47 22.63 -8.74 -12.08
CA ALA A 47 22.97 -8.54 -13.47
C ALA A 47 22.21 -9.55 -14.31
N LEU A 48 21.59 -9.09 -15.39
CA LEU A 48 20.86 -9.97 -16.29
C LEU A 48 21.60 -10.21 -17.58
N SER A 49 21.47 -11.43 -18.15
CA SER A 49 22.16 -11.76 -19.40
C SER A 49 21.15 -11.93 -20.54
N GLY A 50 21.56 -11.56 -21.75
CA GLY A 50 20.71 -11.75 -22.91
C GLY A 50 20.94 -10.68 -23.95
N ARG A 51 20.68 -11.03 -25.20
CA ARG A 51 20.99 -10.16 -26.31
C ARG A 51 19.83 -9.19 -26.50
N THR A 52 18.69 -9.55 -25.95
CA THR A 52 17.51 -8.72 -26.06
C THR A 52 16.88 -8.54 -24.70
N ILE A 53 16.01 -7.55 -24.59
CA ILE A 53 15.32 -7.30 -23.34
C ILE A 53 14.43 -8.51 -22.96
N ALA A 54 13.79 -9.14 -23.95
CA ALA A 54 13.02 -10.34 -23.64
C ALA A 54 13.88 -11.45 -23.00
N GLU A 55 15.11 -11.66 -23.46
CA GLU A 55 15.90 -12.76 -22.87
C GLU A 55 16.34 -12.35 -21.47
N LYS A 56 16.59 -11.05 -21.28
CA LYS A 56 16.94 -10.56 -19.94
C LYS A 56 15.77 -10.73 -18.97
N CYS A 57 14.56 -10.48 -19.48
CA CYS A 57 13.37 -10.68 -18.67
C CYS A 57 13.21 -12.16 -18.30
N ASP A 58 13.53 -13.07 -19.24
CA ASP A 58 13.50 -14.47 -18.91
C ASP A 58 14.55 -14.78 -17.85
N ASP A 59 15.74 -14.19 -17.96
CA ASP A 59 16.81 -14.40 -17.00
C ASP A 59 16.36 -13.96 -15.59
N PHE A 60 15.72 -12.79 -15.52
CA PHE A 60 15.19 -12.27 -14.28
C PHE A 60 14.20 -13.28 -13.69
N ARG A 61 13.23 -13.70 -14.49
CA ARG A 61 12.18 -14.59 -14.03
C ARG A 61 12.75 -15.94 -13.58
N ASP A 62 13.71 -16.48 -14.35
CA ASP A 62 14.16 -17.85 -14.14
C ASP A 62 15.20 -17.96 -13.04
N ASN A 63 15.99 -16.92 -12.89
CA ASN A 63 17.17 -17.01 -12.03
C ASN A 63 17.27 -15.99 -10.92
N HIS A 64 16.40 -14.97 -10.94
CA HIS A 64 16.52 -13.88 -9.97
C HIS A 64 15.18 -13.41 -9.46
N ASP A 65 14.18 -14.28 -9.49
CA ASP A 65 12.80 -13.86 -9.18
C ASP A 65 12.65 -13.41 -7.74
N ALA A 66 13.47 -13.95 -6.84
CA ALA A 66 13.42 -13.50 -5.43
C ALA A 66 13.54 -11.99 -5.33
N TRP A 67 14.28 -11.38 -6.27
CA TRP A 67 14.51 -9.94 -6.23
C TRP A 67 13.26 -9.13 -6.61
N ARG A 68 12.46 -9.67 -7.52
CA ARG A 68 11.19 -9.06 -7.86
C ARG A 68 10.34 -9.07 -6.59
N ARG A 69 10.35 -10.24 -5.93
CA ARG A 69 9.53 -10.43 -4.75
C ARG A 69 9.96 -9.52 -3.61
N ALA A 70 11.26 -9.39 -3.36
CA ALA A 70 11.76 -8.49 -2.30
C ALA A 70 11.34 -7.05 -2.51
N ILE A 71 11.29 -6.57 -3.74
CA ILE A 71 10.96 -5.14 -3.84
C ILE A 71 9.51 -4.85 -4.15
N MET A 72 8.74 -5.85 -4.53
CA MET A 72 7.33 -5.66 -4.84
C MET A 72 6.40 -6.19 -3.76
N LEU A 73 6.73 -7.29 -3.07
CA LEU A 73 5.84 -7.77 -2.02
C LEU A 73 5.92 -6.84 -0.78
N GLU A 74 4.94 -6.93 0.10
CA GLU A 74 5.10 -6.32 1.40
C GLU A 74 6.30 -6.98 2.05
N PRO A 75 7.02 -6.23 2.89
CA PRO A 75 6.68 -4.87 3.33
C PRO A 75 7.28 -3.75 2.49
N ARG A 76 8.20 -4.04 1.58
CA ARG A 76 8.83 -2.96 0.81
C ARG A 76 7.96 -2.43 -0.28
N GLY A 77 7.12 -3.30 -0.81
CA GLY A 77 6.30 -2.95 -1.94
C GLY A 77 4.90 -2.88 -1.41
N HIS A 78 3.97 -2.48 -2.26
CA HIS A 78 2.56 -2.54 -1.94
C HIS A 78 1.82 -2.84 -3.24
N ASP A 79 0.58 -3.26 -3.13
CA ASP A 79 -0.06 -3.96 -4.24
C ASP A 79 -0.15 -3.20 -5.57
N VAL A 80 -0.32 -1.89 -5.52
CA VAL A 80 -0.55 -1.06 -6.72
C VAL A 80 0.75 -0.67 -7.48
N LEU A 81 1.88 -1.00 -6.92
CA LEU A 81 3.14 -0.54 -7.47
C LEU A 81 3.50 -1.36 -8.71
N VAL A 82 4.12 -0.72 -9.70
CA VAL A 82 4.77 -1.47 -10.79
C VAL A 82 6.26 -1.17 -10.67
N GLY A 83 7.07 -2.17 -10.85
CA GLY A 83 8.50 -1.98 -10.85
C GLY A 83 9.00 -1.92 -12.27
N ALA A 84 10.10 -1.18 -12.46
CA ALA A 84 10.71 -0.96 -13.77
C ALA A 84 12.19 -1.06 -13.61
N LEU A 85 12.80 -2.09 -14.20
CA LEU A 85 14.25 -2.26 -14.11
C LEU A 85 14.90 -1.58 -15.30
N TYR A 86 15.79 -0.64 -15.04
CA TYR A 86 16.48 0.05 -16.10
C TYR A 86 17.46 -0.91 -16.75
N CYS A 87 17.48 -0.92 -18.07
CA CYS A 87 18.37 -1.81 -18.84
C CYS A 87 19.07 -1.03 -19.92
N ALA A 88 20.26 -1.45 -20.29
CA ALA A 88 20.89 -0.94 -21.49
C ALA A 88 19.98 -1.13 -22.72
N PRO A 89 20.07 -0.23 -23.71
CA PRO A 89 19.22 -0.39 -24.89
C PRO A 89 19.60 -1.60 -25.73
N GLU A 90 18.61 -2.23 -26.35
CA GLU A 90 18.81 -3.37 -27.25
C GLU A 90 19.00 -2.86 -28.65
N SER A 91 18.13 -1.92 -29.02
CA SER A 91 18.10 -1.33 -30.35
C SER A 91 19.16 -0.25 -30.47
N SER A 92 19.67 -0.06 -31.69
CA SER A 92 20.74 0.90 -31.92
C SER A 92 20.26 2.32 -31.72
N ASP A 93 18.95 2.52 -31.88
CA ASP A 93 18.40 3.88 -31.81
C ASP A 93 17.51 4.07 -30.58
N ALA A 94 17.55 3.12 -29.64
CA ALA A 94 16.81 3.26 -28.38
C ALA A 94 17.64 3.95 -27.31
N SER A 95 16.95 4.67 -26.45
CA SER A 95 17.59 5.41 -25.38
C SER A 95 17.93 4.46 -24.23
N CYS A 96 17.03 3.52 -23.98
CA CYS A 96 17.28 2.52 -22.96
C CYS A 96 16.33 1.35 -23.14
N GLY A 97 16.51 0.34 -22.29
CA GLY A 97 15.57 -0.76 -22.18
C GLY A 97 14.96 -0.76 -20.81
N VAL A 98 13.89 -1.54 -20.66
CA VAL A 98 13.18 -1.62 -19.39
C VAL A 98 12.43 -2.93 -19.29
N ILE A 99 12.44 -3.51 -18.09
CA ILE A 99 11.62 -4.66 -17.78
C ILE A 99 10.63 -4.24 -16.68
N PHE A 100 9.35 -4.36 -16.99
CA PHE A 100 8.33 -4.05 -16.02
C PHE A 100 7.82 -5.31 -15.31
N PHE A 101 7.41 -5.13 -14.06
CA PHE A 101 6.98 -6.23 -13.24
C PHE A 101 6.16 -5.78 -12.07
N ASN A 102 5.50 -6.73 -11.43
CA ASN A 102 4.70 -6.41 -10.28
C ASN A 102 4.76 -7.51 -9.22
N ASN A 103 3.82 -7.49 -8.27
CA ASN A 103 3.93 -8.41 -7.14
C ASN A 103 3.50 -9.82 -7.52
N SER A 104 3.00 -10.01 -8.73
CA SER A 104 2.62 -11.33 -9.21
C SER A 104 3.52 -11.88 -10.33
N GLY A 105 4.06 -11.04 -11.21
CA GLY A 105 4.96 -11.52 -12.25
C GLY A 105 5.53 -10.43 -13.14
N TYR A 106 5.82 -10.80 -14.39
CA TYR A 106 6.46 -9.89 -15.34
C TYR A 106 5.46 -9.38 -16.35
N LEU A 107 5.63 -8.14 -16.75
CA LEU A 107 4.76 -7.51 -17.75
C LEU A 107 5.50 -7.40 -19.08
N GLY A 108 4.80 -6.89 -20.08
CA GLY A 108 5.38 -6.55 -21.36
C GLY A 108 5.56 -5.06 -21.44
N MET A 109 4.63 -4.39 -22.09
CA MET A 109 4.61 -2.93 -22.07
C MET A 109 3.88 -2.42 -20.83
N CYS A 110 4.18 -1.19 -20.43
CA CYS A 110 3.49 -0.57 -19.31
C CYS A 110 3.49 0.94 -19.52
N GLY A 111 2.36 1.49 -19.92
CA GLY A 111 2.31 2.90 -20.27
C GLY A 111 2.62 3.83 -19.12
N HIS A 112 2.02 3.58 -17.98
CA HIS A 112 2.21 4.55 -16.90
C HIS A 112 3.62 4.41 -16.35
N GLY A 113 4.13 3.18 -16.37
CA GLY A 113 5.49 2.93 -15.96
C GLY A 113 6.49 3.59 -16.89
N THR A 114 6.12 3.71 -18.16
CA THR A 114 7.01 4.29 -19.14
C THR A 114 7.05 5.80 -18.92
N ILE A 115 5.91 6.39 -18.62
CA ILE A 115 5.92 7.80 -18.26
C ILE A 115 6.75 8.03 -17.00
N GLY A 116 6.64 7.12 -16.05
CA GLY A 116 7.45 7.20 -14.84
C GLY A 116 8.95 7.10 -15.12
N LEU A 117 9.32 6.07 -15.88
CA LEU A 117 10.71 5.89 -16.31
C LEU A 117 11.24 7.17 -16.95
N VAL A 118 10.52 7.69 -17.93
CA VAL A 118 10.99 8.86 -18.64
C VAL A 118 11.09 10.10 -17.75
N ALA A 119 10.08 10.36 -16.92
CA ALA A 119 10.18 11.51 -16.01
C ALA A 119 11.31 11.33 -15.03
N SER A 120 11.49 10.11 -14.52
CA SER A 120 12.61 9.85 -13.61
C SER A 120 13.98 10.14 -14.26
N LEU A 121 14.22 9.55 -15.42
CA LEU A 121 15.47 9.75 -16.12
C LEU A 121 15.63 11.22 -16.55
N HIS A 122 14.51 11.91 -16.76
CA HIS A 122 14.50 13.35 -17.02
C HIS A 122 15.11 14.12 -15.84
N HIS A 123 14.61 13.83 -14.64
CA HIS A 123 15.10 14.47 -13.43
C HIS A 123 16.54 14.13 -13.14
N LEU A 124 17.04 13.04 -13.71
CA LEU A 124 18.46 12.69 -13.60
C LEU A 124 19.33 13.18 -14.77
N GLY A 125 18.71 13.80 -15.78
CA GLY A 125 19.46 14.35 -16.89
C GLY A 125 19.79 13.33 -17.96
N GLN A 126 19.35 12.10 -17.78
CA GLN A 126 19.70 11.05 -18.74
C GLN A 126 18.80 11.07 -19.97
N LEU A 127 17.64 11.68 -19.85
CA LEU A 127 16.77 11.88 -21.00
C LEU A 127 16.41 13.33 -21.08
N THR A 128 16.49 13.89 -22.28
CA THR A 128 16.14 15.29 -22.47
C THR A 128 14.95 15.40 -23.40
N PRO A 129 14.30 16.57 -23.46
CA PRO A 129 13.08 16.67 -24.25
C PRO A 129 13.27 16.22 -25.68
N GLY A 130 12.24 15.59 -26.24
CA GLY A 130 12.34 15.07 -27.58
C GLY A 130 11.70 13.72 -27.58
N CYS A 131 11.91 12.97 -28.66
CA CYS A 131 11.28 11.69 -28.83
C CYS A 131 12.25 10.54 -28.56
N HIS A 132 11.84 9.57 -27.74
CA HIS A 132 12.71 8.48 -27.34
C HIS A 132 12.11 7.13 -27.67
N LYS A 133 12.95 6.20 -28.10
CA LYS A 133 12.53 4.82 -28.27
C LYS A 133 12.98 4.06 -27.03
N ILE A 134 12.11 3.23 -26.46
CA ILE A 134 12.41 2.45 -25.27
C ILE A 134 12.14 0.98 -25.56
N ASP A 135 13.16 0.13 -25.39
CA ASP A 135 13.01 -1.29 -25.66
C ASP A 135 12.33 -1.98 -24.47
N THR A 136 11.34 -2.83 -24.74
CA THR A 136 10.70 -3.65 -23.69
C THR A 136 10.72 -5.09 -24.16
N PRO A 137 10.34 -6.04 -23.28
CA PRO A 137 10.33 -7.45 -23.65
C PRO A 137 9.34 -7.70 -24.76
N ALA A 138 8.41 -6.79 -24.93
CA ALA A 138 7.33 -6.94 -25.89
C ALA A 138 7.57 -6.09 -27.11
N GLY A 139 8.80 -5.59 -27.27
CA GLY A 139 9.14 -4.68 -28.35
C GLY A 139 9.21 -3.19 -27.97
N PRO A 140 9.56 -2.34 -28.95
CA PRO A 140 9.83 -0.93 -28.69
C PRO A 140 8.58 -0.10 -28.47
N VAL A 141 8.78 0.97 -27.73
CA VAL A 141 7.74 1.89 -27.32
C VAL A 141 8.26 3.29 -27.59
N SER A 142 7.45 4.11 -28.26
CA SER A 142 7.86 5.46 -28.55
C SER A 142 7.28 6.40 -27.50
N ALA A 143 8.13 7.20 -26.89
CA ALA A 143 7.68 8.12 -25.85
C ALA A 143 8.26 9.47 -26.10
N THR A 144 7.41 10.49 -26.12
CA THR A 144 7.89 11.84 -26.32
C THR A 144 7.92 12.57 -24.99
N LEU A 145 9.08 13.10 -24.65
CA LEU A 145 9.21 13.95 -23.49
C LEU A 145 9.06 15.39 -23.94
N HIS A 146 8.06 16.07 -23.38
CA HIS A 146 7.75 17.43 -23.77
C HIS A 146 8.56 18.47 -23.01
N ASP A 147 8.54 19.68 -23.56
CA ASP A 147 9.23 20.83 -22.99
C ASP A 147 8.86 21.00 -21.50
N ASP A 148 7.58 20.77 -21.18
CA ASP A 148 7.05 21.00 -19.83
C ASP A 148 7.14 19.80 -18.91
N GLY A 149 7.80 18.74 -19.36
CA GLY A 149 7.96 17.56 -18.54
C GLY A 149 6.93 16.47 -18.74
N ALA A 150 5.85 16.74 -19.46
CA ALA A 150 4.88 15.69 -19.75
C ALA A 150 5.43 14.65 -20.73
N VAL A 151 4.81 13.48 -20.76
CA VAL A 151 5.24 12.44 -21.67
C VAL A 151 4.06 11.93 -22.45
N THR A 152 4.22 11.79 -23.77
CA THR A 152 3.16 11.19 -24.59
C THR A 152 3.68 9.84 -25.02
N VAL A 153 2.94 8.77 -24.76
CA VAL A 153 3.36 7.44 -25.19
C VAL A 153 2.44 6.94 -26.30
N ARG A 154 3.01 6.49 -27.40
CA ARG A 154 2.18 5.93 -28.46
C ARG A 154 1.86 4.48 -28.09
N ASN A 155 0.56 4.17 -28.02
CA ASN A 155 0.05 2.88 -27.58
C ASN A 155 -0.05 1.91 -28.78
N VAL A 156 -0.21 0.63 -28.48
CA VAL A 156 -0.37 -0.37 -29.56
C VAL A 156 -1.72 -0.16 -30.27
N LEU A 157 -1.88 -0.77 -31.45
CA LEU A 157 -3.13 -0.76 -32.21
C LEU A 157 -4.28 -1.19 -31.29
N SER A 158 -5.34 -0.38 -31.31
CA SER A 158 -6.48 -0.58 -30.44
C SER A 158 -7.74 -0.68 -31.28
N TYR A 159 -8.73 -1.42 -30.78
CA TYR A 159 -9.93 -1.66 -31.54
C TYR A 159 -11.08 -2.16 -30.65
N ARG A 160 -12.29 -2.04 -31.16
CA ARG A 160 -13.43 -2.62 -30.49
C ARG A 160 -13.76 -3.94 -31.15
N HIS A 161 -14.02 -4.94 -30.31
CA HIS A 161 -14.37 -6.29 -30.74
C HIS A 161 -15.87 -6.43 -30.87
N ARG A 162 -16.60 -6.07 -29.80
CA ARG A 162 -18.05 -6.16 -29.78
C ARG A 162 -18.69 -4.94 -29.11
N ARG A 163 -19.91 -4.58 -29.53
CA ARG A 163 -20.57 -3.37 -29.08
C ARG A 163 -21.82 -3.66 -28.27
N ARG A 164 -21.91 -3.03 -27.11
CA ARG A 164 -23.13 -3.04 -26.31
C ARG A 164 -23.63 -4.46 -25.99
N VAL A 165 -22.71 -5.28 -25.50
CA VAL A 165 -22.97 -6.65 -25.10
C VAL A 165 -23.63 -6.72 -23.73
N PRO A 166 -24.80 -7.35 -23.64
CA PRO A 166 -25.47 -7.48 -22.34
C PRO A 166 -24.86 -8.57 -21.50
N VAL A 167 -24.72 -8.29 -20.21
CA VAL A 167 -24.28 -9.31 -19.29
C VAL A 167 -25.11 -9.15 -18.04
N GLU A 168 -25.69 -10.24 -17.58
CA GLU A 168 -26.48 -10.22 -16.35
C GLU A 168 -25.54 -10.43 -15.19
N VAL A 169 -25.52 -9.45 -14.28
CA VAL A 169 -24.61 -9.44 -13.16
C VAL A 169 -25.47 -9.65 -11.92
N PRO A 170 -25.37 -10.83 -11.30
CA PRO A 170 -26.14 -11.11 -10.09
C PRO A 170 -25.95 -9.99 -9.07
N GLY A 171 -27.05 -9.44 -8.57
CA GLY A 171 -26.99 -8.36 -7.60
C GLY A 171 -27.11 -6.99 -8.23
N TYR A 172 -26.97 -6.92 -9.55
CA TYR A 172 -26.99 -5.65 -10.26
C TYR A 172 -27.84 -5.65 -11.54
N GLY A 173 -28.33 -6.81 -11.94
CA GLY A 173 -29.14 -6.89 -13.16
C GLY A 173 -28.28 -6.90 -14.42
N THR A 174 -28.87 -6.43 -15.52
CA THR A 174 -28.19 -6.49 -16.81
C THR A 174 -27.41 -5.23 -17.11
N VAL A 175 -26.14 -5.45 -17.45
CA VAL A 175 -25.22 -4.39 -17.73
C VAL A 175 -24.82 -4.51 -19.21
N HIS A 176 -24.76 -3.40 -19.95
CA HIS A 176 -24.25 -3.42 -21.31
C HIS A 176 -22.90 -2.79 -21.34
N GLY A 177 -22.03 -3.32 -22.17
CA GLY A 177 -20.71 -2.75 -22.32
C GLY A 177 -20.03 -3.19 -23.61
N ASP A 178 -19.05 -2.40 -24.05
CA ASP A 178 -18.26 -2.77 -25.21
C ASP A 178 -17.12 -3.66 -24.77
N ILE A 179 -16.71 -4.55 -25.65
CA ILE A 179 -15.50 -5.32 -25.43
C ILE A 179 -14.45 -4.77 -26.40
N ALA A 180 -13.36 -4.28 -25.87
CA ALA A 180 -12.36 -3.64 -26.71
C ALA A 180 -10.94 -3.90 -26.21
N TRP A 181 -10.02 -3.77 -27.14
CA TRP A 181 -8.60 -4.02 -26.89
C TRP A 181 -7.80 -2.75 -26.98
N GLY A 182 -7.03 -2.47 -25.94
CA GLY A 182 -6.15 -1.29 -25.93
C GLY A 182 -4.76 -1.66 -25.44
N GLY A 183 -4.37 -2.92 -25.61
CA GLY A 183 -3.14 -3.44 -25.02
C GLY A 183 -3.47 -4.36 -23.85
N ASN A 184 -4.75 -4.33 -23.45
CA ASN A 184 -5.34 -5.29 -22.53
C ASN A 184 -6.82 -5.38 -22.97
N TRP A 185 -7.52 -6.42 -22.57
CA TRP A 185 -8.95 -6.54 -22.84
C TRP A 185 -9.77 -5.84 -21.77
N PHE A 186 -10.67 -4.98 -22.23
CA PHE A 186 -11.57 -4.22 -21.36
C PHE A 186 -13.01 -4.46 -21.70
N PHE A 187 -13.84 -4.45 -20.66
CA PHE A 187 -15.29 -4.30 -20.78
C PHE A 187 -15.60 -2.87 -20.33
N LEU A 188 -16.12 -2.05 -21.25
CA LEU A 188 -16.37 -0.63 -20.97
C LEU A 188 -17.85 -0.36 -20.79
N VAL A 189 -18.23 0.08 -19.59
CA VAL A 189 -19.62 0.38 -19.26
C VAL A 189 -19.71 1.89 -19.12
N SER A 190 -20.41 2.54 -20.04
CA SER A 190 -20.37 4.00 -20.09
C SER A 190 -21.78 4.53 -19.82
N ASP A 191 -21.93 5.27 -18.72
CA ASP A 191 -23.23 5.54 -18.12
C ASP A 191 -24.25 4.43 -18.34
N ASP A 193 -25.56 3.73 -13.45
CA ASP A 193 -25.72 4.84 -12.51
C ASP A 193 -25.06 4.54 -11.16
N MET A 194 -23.82 4.09 -11.20
CA MET A 194 -22.92 4.22 -10.06
C MET A 194 -22.29 5.52 -10.43
N THR A 195 -21.86 6.33 -9.48
CA THR A 195 -21.02 7.42 -9.89
C THR A 195 -19.74 7.48 -9.12
N LEU A 196 -18.78 8.02 -9.83
CA LEU A 196 -17.40 7.65 -9.68
C LEU A 196 -16.75 8.68 -8.80
N GLU A 197 -16.87 8.45 -7.49
CA GLU A 197 -16.20 9.27 -6.51
C GLU A 197 -15.15 8.40 -5.78
N LEU A 198 -14.03 9.00 -5.41
CA LEU A 198 -12.94 8.27 -4.76
C LEU A 198 -13.39 7.66 -3.42
N ASP A 199 -14.33 8.30 -2.73
CA ASP A 199 -14.76 7.77 -1.43
C ASP A 199 -15.69 6.57 -1.61
N ASN A 200 -15.99 6.23 -2.85
CA ASN A 200 -16.89 5.13 -3.14
C ASN A 200 -16.20 3.92 -3.78
N VAL A 201 -14.87 3.84 -3.71
CA VAL A 201 -14.16 2.78 -4.41
C VAL A 201 -14.49 1.37 -3.93
N GLU A 202 -14.86 1.21 -2.67
CA GLU A 202 -15.25 -0.10 -2.20
C GLU A 202 -16.45 -0.64 -2.99
N ALA A 203 -17.50 0.18 -3.12
CA ALA A 203 -18.70 -0.22 -3.82
C ALA A 203 -18.42 -0.39 -5.32
N LEU A 204 -17.55 0.46 -5.86
CA LEU A 204 -17.21 0.39 -7.27
C LEU A 204 -16.40 -0.85 -7.55
N THR A 205 -15.52 -1.20 -6.62
CA THR A 205 -14.73 -2.41 -6.77
C THR A 205 -15.64 -3.65 -6.71
N ASP A 206 -16.58 -3.67 -5.78
CA ASP A 206 -17.51 -4.80 -5.66
C ASP A 206 -18.32 -4.98 -6.94
N TYR A 207 -18.82 -3.87 -7.47
CA TYR A 207 -19.62 -3.87 -8.69
C TYR A 207 -18.81 -4.37 -9.88
N THR A 208 -17.67 -3.74 -10.12
CA THR A 208 -16.87 -4.09 -11.30
C THR A 208 -16.36 -5.53 -11.15
N TRP A 209 -16.01 -5.91 -9.92
CA TRP A 209 -15.64 -7.30 -9.64
C TRP A 209 -16.79 -8.26 -10.01
N ALA A 210 -18.01 -7.94 -9.62
CA ALA A 210 -19.14 -8.78 -9.99
C ALA A 210 -19.25 -8.91 -11.52
N ILE A 211 -19.01 -7.81 -12.22
CA ILE A 211 -19.08 -7.86 -13.68
C ILE A 211 -18.02 -8.78 -14.26
N ARG A 212 -16.79 -8.66 -13.77
CA ARG A 212 -15.68 -9.45 -14.24
C ARG A 212 -15.99 -10.93 -14.05
N GLN A 213 -16.52 -11.27 -12.87
CA GLN A 213 -16.85 -12.65 -12.54
C GLN A 213 -17.94 -13.20 -13.45
N ALA A 214 -18.92 -12.36 -13.74
CA ALA A 214 -20.03 -12.73 -14.61
C ALA A 214 -19.59 -12.96 -16.05
N LEU A 215 -18.71 -12.08 -16.56
CA LEU A 215 -18.18 -12.28 -17.89
C LEU A 215 -17.52 -13.67 -17.99
N GLU A 216 -16.73 -14.05 -16.99
CA GLU A 216 -16.01 -15.30 -17.04
C GLU A 216 -16.98 -16.46 -16.89
N ALA A 217 -17.91 -16.35 -15.94
CA ALA A 217 -18.91 -17.42 -15.73
C ALA A 217 -19.69 -17.68 -17.01
N GLN A 218 -19.95 -16.62 -17.76
CA GLN A 218 -20.80 -16.72 -18.94
C GLN A 218 -19.99 -16.83 -20.24
N SER A 219 -18.68 -17.03 -20.11
CA SER A 219 -17.81 -17.26 -21.26
C SER A 219 -17.77 -16.07 -22.21
N ILE A 220 -17.79 -14.86 -21.67
CA ILE A 220 -17.72 -13.67 -22.52
C ILE A 220 -16.28 -13.22 -22.56
N THR A 221 -15.71 -13.25 -23.76
CA THR A 221 -14.28 -13.00 -23.90
C THR A 221 -14.03 -11.97 -24.98
N GLY A 222 -12.77 -11.55 -25.11
CA GLY A 222 -12.36 -10.77 -26.25
C GLY A 222 -12.08 -11.71 -27.42
N GLU A 223 -11.55 -11.16 -28.49
CA GLU A 223 -11.26 -11.99 -29.67
C GLU A 223 -10.35 -13.15 -29.27
N ASN A 224 -10.56 -14.29 -29.92
CA ASN A 224 -9.77 -15.50 -29.68
C ASN A 224 -9.64 -15.90 -28.21
N GLY A 225 -10.73 -15.84 -27.46
CA GLY A 225 -10.73 -16.39 -26.13
C GLY A 225 -10.11 -15.49 -25.08
N GLY A 226 -9.64 -14.31 -25.49
CA GLY A 226 -8.94 -13.43 -24.58
C GLY A 226 -9.73 -13.14 -23.32
N VAL A 227 -9.12 -13.35 -22.17
CA VAL A 227 -9.82 -13.10 -20.92
C VAL A 227 -9.95 -11.59 -20.72
N ILE A 228 -11.17 -11.18 -20.38
CA ILE A 228 -11.44 -9.78 -20.11
C ILE A 228 -11.18 -9.53 -18.63
N ASP A 229 -10.00 -8.98 -18.32
CA ASP A 229 -9.53 -8.91 -16.95
C ASP A 229 -9.47 -7.48 -16.44
N HIS A 230 -9.94 -6.52 -17.24
CA HIS A 230 -10.08 -5.14 -16.81
C HIS A 230 -11.52 -4.70 -17.07
N ILE A 231 -12.11 -3.95 -16.14
CA ILE A 231 -13.46 -3.44 -16.27
C ILE A 231 -13.39 -1.95 -16.08
N GLU A 232 -13.99 -1.18 -16.97
CA GLU A 232 -13.99 0.25 -16.72
C GLU A 232 -15.33 0.88 -16.85
N LEU A 233 -15.61 1.80 -15.92
CA LEU A 233 -16.81 2.58 -15.87
C LEU A 233 -16.49 4.00 -16.29
N PHE A 234 -17.39 4.62 -17.06
CA PHE A 234 -17.23 6.01 -17.48
C PHE A 234 -18.45 6.82 -17.08
N CYS A 235 -18.22 8.02 -16.56
CA CYS A 235 -19.31 8.98 -16.29
C CYS A 235 -18.91 10.40 -16.76
N ASP A 236 -19.81 11.38 -16.67
CA ASP A 236 -19.45 12.73 -17.07
C ASP A 236 -18.58 13.39 -16.00
N ASP A 237 -17.89 14.46 -16.39
CA ASP A 237 -16.94 15.15 -15.51
C ASP A 237 -17.04 16.65 -15.82
N ARG A 238 -16.95 17.49 -14.80
CA ARG A 238 -17.17 18.92 -15.03
C ARG A 238 -16.08 19.58 -15.87
N GLU A 239 -14.84 19.14 -15.71
CA GLU A 239 -13.71 19.74 -16.42
C GLU A 239 -12.85 18.73 -17.20
N ALA A 240 -13.46 17.62 -17.61
CA ALA A 240 -12.82 16.69 -18.54
C ALA A 240 -13.91 16.13 -19.42
N ASP A 241 -13.56 15.37 -20.46
CA ASP A 241 -14.57 14.77 -21.32
C ASP A 241 -15.30 13.65 -20.59
N SER A 242 -14.65 13.07 -19.61
CA SER A 242 -15.16 11.86 -18.96
C SER A 242 -14.35 11.67 -17.70
N ARG A 243 -14.91 10.94 -16.75
CA ARG A 243 -14.18 10.45 -15.60
C ARG A 243 -14.40 8.97 -15.58
N ASN A 244 -13.39 8.20 -15.16
CA ASN A 244 -13.54 6.76 -15.11
C ASN A 244 -13.16 6.13 -13.79
N PHE A 245 -13.55 4.86 -13.66
CA PHE A 245 -13.09 3.97 -12.61
C PHE A 245 -12.68 2.69 -13.32
N VAL A 246 -11.49 2.19 -13.00
CA VAL A 246 -10.92 1.07 -13.70
C VAL A 246 -10.49 -0.04 -12.76
N LEU A 247 -11.16 -1.19 -12.87
CA LEU A 247 -10.77 -2.41 -12.13
C LEU A 247 -9.71 -3.17 -12.91
N CYS A 248 -8.58 -3.40 -12.24
CA CYS A 248 -7.43 -4.05 -12.80
C CYS A 248 -7.33 -5.44 -12.21
N PRO A 249 -6.49 -6.30 -12.78
CA PRO A 249 -6.36 -7.65 -12.22
C PRO A 249 -5.99 -7.62 -10.74
N GLY A 250 -6.53 -8.52 -9.95
CA GLY A 250 -6.21 -8.57 -8.54
C GLY A 250 -7.05 -7.62 -7.69
N LYS A 251 -8.26 -7.30 -8.14
CA LYS A 251 -9.21 -6.48 -7.38
C LYS A 251 -8.62 -5.10 -6.99
N ALA A 252 -7.69 -4.61 -7.79
CA ALA A 252 -7.12 -3.29 -7.56
C ALA A 252 -7.77 -2.30 -8.51
N TYR A 253 -7.80 -1.03 -8.15
CA TYR A 253 -8.23 -0.01 -9.09
C TYR A 253 -7.06 0.86 -9.52
N ASP A 254 -7.14 1.40 -10.73
CA ASP A 254 -6.06 2.28 -11.24
C ASP A 254 -6.30 3.68 -10.70
N ARG A 255 -5.23 4.32 -10.16
CA ARG A 255 -5.35 5.68 -9.67
C ARG A 255 -5.34 6.65 -10.87
N SER A 256 -4.74 6.21 -11.97
CA SER A 256 -4.64 7.03 -13.17
C SER A 256 -5.84 6.77 -14.04
N PRO A 257 -5.97 7.54 -15.12
CA PRO A 257 -7.05 7.25 -16.08
C PRO A 257 -6.86 5.92 -16.87
N CYS A 258 -5.70 5.29 -16.70
CA CYS A 258 -5.35 3.99 -17.32
C CYS A 258 -5.05 4.18 -18.80
N GLY A 259 -3.79 4.04 -19.18
CA GLY A 259 -3.41 4.32 -20.54
C GLY A 259 -4.08 3.38 -21.53
N THR A 260 -3.99 2.08 -21.24
CA THR A 260 -4.58 1.06 -22.13
C THR A 260 -6.10 1.10 -22.10
N GLY A 261 -6.66 1.44 -20.94
CA GLY A 261 -8.10 1.56 -20.83
C GLY A 261 -8.64 2.74 -21.60
N THR A 262 -7.89 3.85 -21.53
CA THR A 262 -8.25 5.04 -22.27
C THR A 262 -8.02 4.80 -23.76
N SER A 263 -6.98 4.04 -24.15
CA SER A 263 -6.83 3.61 -25.56
C SER A 263 -8.05 2.81 -26.01
N ALA A 264 -8.54 1.92 -25.16
CA ALA A 264 -9.72 1.15 -25.55
C ALA A 264 -10.97 2.07 -25.64
N LYS A 265 -11.07 3.02 -24.75
CA LYS A 265 -12.16 3.98 -24.80
C LYS A 265 -12.14 4.75 -26.12
N LEU A 266 -10.96 5.17 -26.56
CA LEU A 266 -10.92 5.93 -27.78
C LEU A 266 -11.30 5.05 -28.94
N ALA A 267 -10.89 3.78 -28.91
CA ALA A 267 -11.30 2.87 -29.98
C ALA A 267 -12.82 2.77 -30.05
N CYS A 268 -13.49 2.74 -28.92
CA CYS A 268 -14.96 2.66 -28.91
C CYS A 268 -15.55 3.97 -29.43
N LEU A 269 -15.01 5.09 -28.96
CA LEU A 269 -15.48 6.41 -29.42
C LEU A 269 -15.34 6.52 -30.93
N ALA A 270 -14.19 6.11 -31.45
CA ALA A 270 -13.93 6.12 -32.88
C ALA A 270 -14.90 5.21 -33.61
N ALA A 271 -15.10 4.01 -33.09
CA ALA A 271 -16.02 3.06 -33.72
C ALA A 271 -17.47 3.53 -33.68
N ASP A 272 -17.80 4.45 -32.78
CA ASP A 272 -19.15 5.02 -32.72
C ASP A 272 -19.25 6.38 -33.41
N GLY A 273 -18.15 6.87 -33.97
CA GLY A 273 -18.13 8.16 -34.66
C GLY A 273 -18.24 9.36 -33.72
N LYS A 274 -17.78 9.20 -32.48
CA LYS A 274 -17.89 10.25 -31.48
C LYS A 274 -16.59 11.04 -31.30
N LEU A 275 -15.50 10.59 -31.90
CA LEU A 275 -14.21 11.26 -31.78
C LEU A 275 -13.47 11.09 -33.07
N ALA A 276 -12.95 12.20 -33.59
CA ALA A 276 -12.27 12.20 -34.87
C ALA A 276 -10.76 12.06 -34.70
N PRO A 277 -10.08 11.57 -35.74
CA PRO A 277 -8.63 11.45 -35.63
C PRO A 277 -8.04 12.82 -35.36
N GLY A 278 -6.99 12.85 -34.53
CA GLY A 278 -6.27 14.06 -34.23
C GLY A 278 -6.90 14.88 -33.12
N GLN A 279 -8.15 14.60 -32.80
CA GLN A 279 -8.91 15.36 -31.81
C GLN A 279 -8.56 14.88 -30.40
N VAL A 280 -8.28 15.82 -29.49
CA VAL A 280 -7.86 15.43 -28.15
C VAL A 280 -9.06 15.15 -27.26
N TRP A 281 -8.98 14.04 -26.53
CA TRP A 281 -9.95 13.64 -25.54
C TRP A 281 -9.27 13.74 -24.20
N THR A 282 -9.95 14.31 -23.21
CA THR A 282 -9.35 14.44 -21.90
C THR A 282 -10.03 13.53 -20.92
N GLN A 283 -9.28 12.62 -20.31
CA GLN A 283 -9.89 11.60 -19.45
C GLN A 283 -9.45 11.80 -18.02
N ALA A 284 -10.41 12.02 -17.13
CA ALA A 284 -10.13 12.12 -15.71
C ALA A 284 -10.25 10.76 -15.03
N SER A 285 -9.46 10.56 -13.98
CA SER A 285 -9.42 9.32 -13.21
C SER A 285 -10.31 9.40 -12.00
N ILE A 286 -10.41 8.27 -11.31
CA ILE A 286 -11.14 8.21 -10.06
C ILE A 286 -10.64 9.23 -9.00
N CYS A 287 -9.37 9.60 -9.07
CA CYS A 287 -8.83 10.57 -8.10
C CYS A 287 -8.62 11.97 -8.71
N GLY A 288 -9.14 12.19 -9.90
CA GLY A 288 -9.14 13.51 -10.50
C GLY A 288 -7.90 13.85 -11.32
N SER A 289 -6.95 12.91 -11.45
CA SER A 289 -5.83 13.14 -12.36
C SER A 289 -6.30 12.92 -13.80
N ARG A 290 -5.53 13.42 -14.75
CA ARG A 290 -5.98 13.47 -16.12
C ARG A 290 -4.92 13.04 -17.13
N PHE A 291 -5.41 12.44 -18.21
CA PHE A 291 -4.60 12.07 -19.37
C PHE A 291 -5.26 12.78 -20.56
N GLU A 292 -4.46 13.19 -21.53
CA GLU A 292 -4.96 13.66 -22.82
C GLU A 292 -4.62 12.63 -23.89
N ALA A 293 -5.60 12.32 -24.72
CA ALA A 293 -5.44 11.25 -25.67
C ALA A 293 -5.97 11.63 -27.03
N PHE A 294 -5.37 11.05 -28.07
CA PHE A 294 -5.85 11.25 -29.43
C PHE A 294 -5.43 10.02 -30.24
N TYR A 295 -5.92 9.89 -31.45
CA TYR A 295 -5.57 8.75 -32.27
C TYR A 295 -5.44 9.12 -33.70
N GLU A 296 -4.81 8.22 -34.45
CA GLU A 296 -4.91 8.28 -35.88
C GLU A 296 -5.39 6.89 -36.31
N ARG A 297 -6.07 6.82 -37.45
N ARG A 297 -6.08 6.83 -37.45
CA ARG A 297 -6.56 5.54 -37.97
CA ARG A 297 -6.52 5.56 -38.02
C ARG A 297 -5.44 4.65 -38.49
C ARG A 297 -5.34 4.66 -38.37
N GLU A 298 -5.52 3.36 -38.16
CA GLU A 298 -4.62 2.35 -38.69
C GLU A 298 -5.49 1.18 -39.09
N GLY A 299 -5.65 1.00 -40.39
CA GLY A 299 -6.61 0.05 -40.90
C GLY A 299 -8.01 0.29 -40.38
N ASP A 300 -8.58 -0.72 -39.77
CA ASP A 300 -9.93 -0.63 -39.24
C ASP A 300 -9.88 -0.30 -37.76
N GLY A 301 -8.66 -0.18 -37.22
CA GLY A 301 -8.48 0.18 -35.83
C GLY A 301 -7.87 1.57 -35.70
N ILE A 302 -7.32 1.84 -34.53
CA ILE A 302 -6.73 3.12 -34.24
C ILE A 302 -5.37 2.96 -33.60
N ARG A 303 -4.55 3.99 -33.78
CA ARG A 303 -3.29 4.10 -33.07
C ARG A 303 -3.38 5.25 -32.08
N PRO A 304 -3.62 4.97 -30.79
CA PRO A 304 -3.81 6.06 -29.83
C PRO A 304 -2.51 6.50 -29.19
N SER A 305 -2.45 7.76 -28.85
CA SER A 305 -1.36 8.27 -28.04
C SER A 305 -1.94 8.85 -26.77
N ILE A 306 -1.23 8.59 -25.67
CA ILE A 306 -1.65 8.99 -24.33
C ILE A 306 -0.61 9.89 -23.69
N LYS A 307 -1.05 11.10 -23.33
CA LYS A 307 -0.19 12.10 -22.68
C LYS A 307 -0.51 12.22 -21.21
N GLY A 308 0.50 12.08 -20.38
CA GLY A 308 0.34 12.21 -18.94
C GLY A 308 1.59 12.76 -18.30
N ARG A 309 1.51 12.98 -17.00
N ARG A 309 1.52 12.96 -16.99
CA ARG A 309 2.59 13.55 -16.24
CA ARG A 309 2.57 13.60 -16.23
C ARG A 309 2.89 12.66 -15.06
C ARG A 309 2.89 12.79 -14.98
N ALA A 310 4.17 12.49 -14.80
CA ALA A 310 4.65 11.82 -13.58
C ALA A 310 5.47 12.79 -12.76
N TYR A 311 5.48 12.57 -11.45
CA TYR A 311 6.24 13.37 -10.50
C TYR A 311 6.98 12.38 -9.58
N LEU A 312 8.11 12.80 -9.06
CA LEU A 312 8.90 11.98 -8.15
C LEU A 312 8.23 11.81 -6.79
N SER A 313 8.51 10.68 -6.16
CA SER A 313 8.03 10.40 -4.80
C SER A 313 9.21 10.24 -3.86
N ALA A 314 10.28 9.62 -4.35
CA ALA A 314 11.40 9.28 -3.46
C ALA A 314 12.59 8.87 -4.24
N ASP A 315 13.75 9.16 -3.67
CA ASP A 315 15.01 8.60 -4.14
C ASP A 315 15.47 7.73 -2.97
N ALA A 316 15.56 6.42 -3.18
CA ALA A 316 15.69 5.50 -2.06
C ALA A 316 16.72 4.40 -2.29
N THR A 317 17.30 3.96 -1.19
CA THR A 317 18.09 2.76 -1.17
C THR A 317 17.24 1.71 -0.43
N LEU A 318 16.71 0.75 -1.17
CA LEU A 318 16.03 -0.40 -0.55
C LEU A 318 17.07 -1.25 0.15
N LEU A 319 16.72 -1.78 1.32
CA LEU A 319 17.68 -2.55 2.13
C LEU A 319 17.10 -3.93 2.42
N ILE A 320 17.90 -4.95 2.07
CA ILE A 320 17.54 -6.33 2.32
C ILE A 320 18.50 -6.93 3.33
N ASP A 321 17.96 -7.21 4.51
CA ASP A 321 18.69 -7.76 5.65
C ASP A 321 18.39 -9.25 5.71
N GLU A 322 19.40 -10.09 5.49
CA GLU A 322 19.17 -11.53 5.46
C GLU A 322 18.72 -12.13 6.77
N ARG A 323 18.98 -11.46 7.88
CA ARG A 323 18.47 -11.84 9.19
C ARG A 323 16.93 -11.69 9.30
N ASP A 324 16.34 -10.90 8.43
CA ASP A 324 14.89 -10.63 8.45
C ASP A 324 14.08 -11.81 7.89
N PRO A 325 13.14 -12.38 8.67
CA PRO A 325 12.32 -13.48 8.14
C PRO A 325 11.55 -13.13 6.86
N PHE A 326 11.29 -11.84 6.64
CA PHE A 326 10.53 -11.41 5.48
C PHE A 326 11.43 -10.65 4.52
N ALA A 327 12.73 -10.95 4.58
CA ALA A 327 13.74 -10.27 3.75
C ALA A 327 13.31 -10.24 2.30
N TRP A 328 12.83 -11.38 1.81
CA TRP A 328 12.45 -11.50 0.39
C TRP A 328 10.97 -11.37 0.14
N GLY A 329 10.24 -10.70 1.06
CA GLY A 329 8.84 -10.47 0.85
C GLY A 329 7.94 -11.42 1.61
N ILE A 330 6.82 -10.88 2.09
CA ILE A 330 5.76 -11.67 2.71
C ILE A 330 4.93 -12.32 1.61
N ALA A 331 4.84 -13.65 1.66
CA ALA A 331 4.07 -14.43 0.68
C ALA A 331 3.23 -13.57 -0.26
N MET B 23 12.49 21.10 -5.02
CA MET B 23 11.80 19.97 -4.32
C MET B 23 12.19 19.86 -2.87
N LYS B 24 11.18 19.70 -2.03
CA LYS B 24 11.39 19.43 -0.62
C LYS B 24 11.92 18.01 -0.48
N ARG B 25 12.93 17.82 0.39
CA ARG B 25 13.58 16.52 0.60
C ARG B 25 13.42 16.12 2.07
N VAL B 26 12.94 14.91 2.33
CA VAL B 26 12.73 14.42 3.70
C VAL B 26 13.39 13.06 3.83
N HIS B 27 14.33 12.96 4.76
CA HIS B 27 15.06 11.73 4.98
C HIS B 27 14.29 10.79 5.90
N VAL B 28 13.97 9.62 5.40
CA VAL B 28 13.24 8.65 6.21
C VAL B 28 13.99 7.31 6.22
N ILE B 29 13.85 6.59 7.33
CA ILE B 29 14.26 5.21 7.42
C ILE B 29 13.00 4.37 7.54
N ASP B 30 12.74 3.52 6.56
CA ASP B 30 11.54 2.65 6.64
C ASP B 30 11.98 1.31 7.21
N SER B 31 11.15 0.74 8.08
CA SER B 31 11.44 -0.55 8.68
C SER B 31 10.11 -1.26 8.81
N HIS B 32 10.10 -2.48 9.33
CA HIS B 32 8.84 -3.10 9.72
C HIS B 32 9.08 -3.90 10.97
N THR B 33 8.02 -4.04 11.73
CA THR B 33 8.03 -4.77 12.98
C THR B 33 7.06 -5.91 12.78
N ALA B 34 7.60 -7.11 12.65
CA ALA B 34 6.82 -8.31 12.43
C ALA B 34 5.86 -8.12 11.26
N GLY B 35 6.25 -7.31 10.29
CA GLY B 35 5.50 -7.13 9.04
C GLY B 35 4.77 -5.80 8.95
N GLU B 36 4.65 -5.12 10.08
CA GLU B 36 3.92 -3.87 10.16
C GLU B 36 4.87 -2.68 10.07
N PRO B 37 4.76 -1.85 9.01
CA PRO B 37 5.84 -0.91 8.66
C PRO B 37 5.81 0.41 9.43
N THR B 38 7.01 0.94 9.67
CA THR B 38 7.21 2.23 10.34
C THR B 38 8.07 3.10 9.42
N ARG B 39 7.68 4.36 9.27
CA ARG B 39 8.45 5.35 8.53
C ARG B 39 9.04 6.33 9.52
N LEU B 40 10.34 6.20 9.79
CA LEU B 40 11.01 7.10 10.72
C LEU B 40 11.54 8.34 9.99
N VAL B 41 10.98 9.52 10.30
CA VAL B 41 11.39 10.76 9.68
C VAL B 41 12.54 11.41 10.46
N MET B 42 13.68 11.65 9.80
CA MET B 42 14.94 12.03 10.46
C MET B 42 15.41 13.50 10.30
N GLU B 43 15.35 14.03 9.08
CA GLU B 43 15.59 15.45 8.83
C GLU B 43 14.78 15.86 7.59
N GLY B 44 14.52 17.15 7.46
CA GLY B 44 13.88 17.67 6.26
C GLY B 44 12.53 18.28 6.56
N MET B 45 11.98 17.99 7.72
CA MET B 45 10.67 18.51 8.01
C MET B 45 10.87 19.86 8.65
N PRO B 46 9.84 20.71 8.57
CA PRO B 46 9.93 22.01 9.24
C PRO B 46 10.14 21.84 10.73
N ALA B 47 10.76 22.81 11.38
CA ALA B 47 10.99 22.71 12.80
C ALA B 47 9.70 22.95 13.57
N LEU B 48 9.40 22.07 14.51
CA LEU B 48 8.18 22.16 15.29
C LEU B 48 8.41 22.98 16.54
N SER B 49 7.44 23.85 16.86
CA SER B 49 7.50 24.69 18.06
C SER B 49 6.95 23.94 19.27
N GLY B 50 7.55 24.17 20.42
CA GLY B 50 7.05 23.56 21.63
C GLY B 50 8.21 23.16 22.51
N ARG B 51 7.92 22.95 23.78
CA ARG B 51 8.96 22.52 24.69
C ARG B 51 8.69 21.11 25.18
N THR B 52 7.45 20.66 25.04
CA THR B 52 7.15 19.26 25.32
C THR B 52 6.79 18.57 24.01
N ILE B 53 6.95 17.26 23.97
CA ILE B 53 6.61 16.54 22.77
C ILE B 53 5.13 16.76 22.47
N ALA B 54 4.30 16.92 23.51
CA ALA B 54 2.88 17.18 23.32
C ALA B 54 2.63 18.47 22.53
N GLU B 55 3.40 19.51 22.84
CA GLU B 55 3.26 20.83 22.24
C GLU B 55 3.74 20.80 20.80
N LYS B 56 4.74 19.96 20.53
CA LYS B 56 5.28 19.86 19.19
C LYS B 56 4.34 19.08 18.33
N CYS B 57 3.67 18.07 18.91
CA CYS B 57 2.63 17.35 18.21
C CYS B 57 1.47 18.29 17.81
N ASP B 58 1.00 19.14 18.73
CA ASP B 58 -0.05 20.09 18.38
C ASP B 58 0.41 21.00 17.25
N ASP B 59 1.68 21.39 17.26
CA ASP B 59 2.18 22.32 16.25
C ASP B 59 2.19 21.63 14.89
N PHE B 60 2.65 20.38 14.88
CA PHE B 60 2.63 19.54 13.69
C PHE B 60 1.22 19.49 13.15
N ARG B 61 0.28 19.08 13.98
CA ARG B 61 -1.13 18.94 13.62
C ARG B 61 -1.73 20.22 13.05
N ASP B 62 -1.48 21.34 13.72
CA ASP B 62 -2.15 22.59 13.40
C ASP B 62 -1.44 23.35 12.29
N ASN B 63 -0.11 23.32 12.27
CA ASN B 63 0.63 24.18 11.36
C ASN B 63 1.44 23.49 10.26
N HIS B 64 1.52 22.17 10.30
CA HIS B 64 2.35 21.43 9.34
C HIS B 64 1.70 20.12 8.93
N ASP B 65 0.37 20.04 9.02
CA ASP B 65 -0.28 18.76 8.78
C ASP B 65 -0.08 18.25 7.35
N ALA B 66 0.09 19.17 6.40
CA ALA B 66 0.28 18.73 5.02
C ALA B 66 1.50 17.80 4.88
N TRP B 67 2.50 17.99 5.76
CA TRP B 67 3.68 17.12 5.76
C TRP B 67 3.32 15.74 6.23
N ARG B 68 2.44 15.61 7.22
CA ARG B 68 1.95 14.27 7.58
C ARG B 68 1.31 13.64 6.37
N ARG B 69 0.49 14.41 5.67
CA ARG B 69 -0.24 13.83 4.55
C ARG B 69 0.68 13.49 3.38
N ALA B 70 1.69 14.31 3.14
CA ALA B 70 2.63 14.01 2.04
C ALA B 70 3.36 12.69 2.29
N ILE B 71 3.66 12.45 3.56
CA ILE B 71 4.46 11.28 3.95
C ILE B 71 3.62 10.02 4.07
N MET B 72 2.36 10.17 4.43
CA MET B 72 1.53 9.02 4.78
C MET B 72 0.45 8.64 3.73
N LEU B 73 -0.11 9.60 3.01
CA LEU B 73 -1.17 9.28 2.04
C LEU B 73 -0.53 8.79 0.75
N GLU B 74 -1.30 8.13 -0.09
CA GLU B 74 -0.80 7.79 -1.41
C GLU B 74 -0.43 9.09 -2.07
N PRO B 75 0.57 9.07 -2.97
CA PRO B 75 1.25 7.87 -3.47
C PRO B 75 2.54 7.52 -2.70
N ARG B 76 3.03 8.38 -1.82
CA ARG B 76 4.26 8.09 -1.05
C ARG B 76 4.10 7.15 0.06
N GLY B 77 2.93 7.13 0.67
CA GLY B 77 2.70 6.26 1.78
C GLY B 77 1.62 5.30 1.36
N HIS B 78 1.25 4.43 2.27
CA HIS B 78 0.20 3.48 2.02
C HIS B 78 -0.49 3.29 3.35
N ASP B 79 -1.61 2.60 3.34
CA ASP B 79 -2.59 2.72 4.41
C ASP B 79 -2.24 1.91 5.67
N VAL B 80 -1.24 1.04 5.58
CA VAL B 80 -0.83 0.21 6.72
C VAL B 80 0.36 0.85 7.50
N LEU B 81 0.85 1.97 6.99
CA LEU B 81 2.09 2.58 7.45
C LEU B 81 1.83 3.48 8.67
N VAL B 82 2.77 3.49 9.60
CA VAL B 82 2.78 4.42 10.71
C VAL B 82 4.04 5.25 10.57
N GLY B 83 3.90 6.54 10.82
CA GLY B 83 5.01 7.46 10.75
C GLY B 83 5.51 7.80 12.14
N ALA B 84 6.81 8.05 12.23
CA ALA B 84 7.44 8.41 13.49
C ALA B 84 8.43 9.55 13.26
N LEU B 85 8.15 10.73 13.82
CA LEU B 85 9.06 11.85 13.69
C LEU B 85 10.03 11.86 14.86
N TYR B 86 11.31 11.71 14.53
CA TYR B 86 12.34 11.74 15.54
C TYR B 86 12.42 13.15 16.12
N CYS B 87 12.42 13.25 17.45
CA CYS B 87 12.55 14.52 18.12
C CYS B 87 13.63 14.43 19.18
N ALA B 88 14.26 15.57 19.46
CA ALA B 88 15.08 15.75 20.67
C ALA B 88 14.30 15.31 21.91
N PRO B 89 14.97 14.69 22.89
CA PRO B 89 14.23 14.29 24.09
C PRO B 89 13.85 15.53 24.88
N GLU B 90 12.76 15.48 25.64
CA GLU B 90 12.35 16.64 26.40
C GLU B 90 12.80 16.42 27.84
N SER B 91 12.78 15.17 28.27
CA SER B 91 13.15 14.81 29.63
C SER B 91 14.61 14.39 29.74
N SER B 92 15.22 14.73 30.86
CA SER B 92 16.66 14.54 31.04
C SER B 92 17.15 13.09 30.80
N ASP B 93 16.33 12.12 31.16
CA ASP B 93 16.70 10.72 31.10
C ASP B 93 16.16 10.02 29.87
N ALA B 94 15.49 10.73 28.96
CA ALA B 94 15.00 10.09 27.74
C ALA B 94 16.06 10.06 26.66
N SER B 95 16.05 9.01 25.83
CA SER B 95 17.01 8.90 24.76
C SER B 95 16.56 9.77 23.58
N CYS B 96 15.26 9.82 23.36
CA CYS B 96 14.77 10.73 22.32
C CYS B 96 13.30 10.93 22.51
N GLY B 97 12.73 11.77 21.66
CA GLY B 97 11.30 11.95 21.61
C GLY B 97 10.77 11.45 20.29
N VAL B 98 9.48 11.20 20.22
CA VAL B 98 8.90 10.75 18.98
C VAL B 98 7.44 11.18 18.92
N ILE B 99 6.97 11.47 17.70
CA ILE B 99 5.56 11.78 17.49
C ILE B 99 5.13 10.77 16.44
N PHE B 100 4.12 9.97 16.75
CA PHE B 100 3.63 8.93 15.83
C PHE B 100 2.38 9.46 15.13
N PHE B 101 2.21 9.09 13.88
CA PHE B 101 1.09 9.55 13.12
C PHE B 101 0.79 8.55 12.03
N ASN B 102 -0.39 8.71 11.44
CA ASN B 102 -0.79 7.83 10.36
C ASN B 102 -1.64 8.58 9.35
N ASN B 103 -2.31 7.83 8.46
CA ASN B 103 -2.96 8.50 7.37
C ASN B 103 -4.23 9.25 7.78
N SER B 104 -4.65 9.09 9.03
CA SER B 104 -5.85 9.78 9.51
C SER B 104 -5.56 10.87 10.55
N GLY B 105 -4.44 10.77 11.25
CA GLY B 105 -4.09 11.77 12.24
C GLY B 105 -2.90 11.38 13.09
N TYR B 106 -2.95 11.83 14.33
CA TYR B 106 -1.83 11.68 15.24
C TYR B 106 -2.15 10.68 16.35
N LEU B 107 -1.16 9.86 16.67
CA LEU B 107 -1.28 8.85 17.69
C LEU B 107 -0.58 9.36 18.95
N GLY B 108 -0.74 8.64 20.05
CA GLY B 108 -0.01 8.92 21.27
C GLY B 108 1.16 7.95 21.34
N MET B 109 0.95 6.81 21.98
CA MET B 109 1.96 5.73 21.93
C MET B 109 1.71 4.80 20.79
N CYS B 110 2.74 4.04 20.40
CA CYS B 110 2.65 3.11 19.29
C CYS B 110 3.76 2.10 19.52
N GLY B 111 3.39 0.93 20.02
CA GLY B 111 4.37 -0.08 20.37
C GLY B 111 5.20 -0.51 19.18
N HIS B 112 4.55 -0.83 18.07
CA HIS B 112 5.30 -1.42 16.96
C HIS B 112 6.22 -0.35 16.33
N GLY B 113 5.77 0.90 16.37
CA GLY B 113 6.56 1.99 15.85
C GLY B 113 7.73 2.29 16.76
N THR B 114 7.56 2.05 18.06
CA THR B 114 8.64 2.24 18.99
C THR B 114 9.74 1.19 18.79
N ILE B 115 9.34 -0.04 18.52
CA ILE B 115 10.30 -1.10 18.20
C ILE B 115 11.09 -0.72 16.92
N GLY B 116 10.37 -0.24 15.91
CA GLY B 116 11.04 0.15 14.68
C GLY B 116 11.92 1.37 14.92
N LEU B 117 11.47 2.32 15.75
CA LEU B 117 12.29 3.45 16.08
C LEU B 117 13.60 3.03 16.71
N VAL B 118 13.50 2.13 17.67
CA VAL B 118 14.65 1.76 18.48
C VAL B 118 15.61 0.99 17.63
N ALA B 119 15.05 0.08 16.82
CA ALA B 119 15.87 -0.75 15.96
C ALA B 119 16.57 0.12 14.94
N SER B 120 15.86 1.10 14.40
CA SER B 120 16.47 1.99 13.42
C SER B 120 17.63 2.79 14.00
N LEU B 121 17.39 3.38 15.18
CA LEU B 121 18.44 4.14 15.85
C LEU B 121 19.64 3.24 16.17
N HIS B 122 19.37 1.98 16.52
CA HIS B 122 20.44 1.02 16.81
C HIS B 122 21.28 0.92 15.56
N HIS B 123 20.63 0.71 14.41
CA HIS B 123 21.35 0.53 13.15
C HIS B 123 22.11 1.79 12.73
N LEU B 124 21.60 2.95 13.08
CA LEU B 124 22.28 4.20 12.78
C LEU B 124 23.41 4.47 13.75
N GLY B 125 23.57 3.59 14.74
CA GLY B 125 24.59 3.73 15.76
C GLY B 125 24.30 4.77 16.83
N GLN B 126 23.03 5.11 17.02
CA GLN B 126 22.63 6.15 17.96
C GLN B 126 22.10 5.66 19.30
N LEU B 127 21.78 4.37 19.39
CA LEU B 127 21.29 3.75 20.60
C LEU B 127 22.05 2.44 20.77
N THR B 128 22.42 2.13 22.01
CA THR B 128 23.07 0.86 22.30
C THR B 128 22.16 0.03 23.19
N PRO B 129 22.42 -1.28 23.29
CA PRO B 129 21.59 -2.13 24.16
C PRO B 129 21.44 -1.59 25.58
N GLY B 130 20.25 -1.74 26.15
CA GLY B 130 19.98 -1.23 27.48
C GLY B 130 18.54 -0.77 27.54
N CYS B 131 18.10 -0.29 28.71
CA CYS B 131 16.75 0.19 28.87
C CYS B 131 16.77 1.65 28.48
N HIS B 132 15.78 2.07 27.70
CA HIS B 132 15.71 3.44 27.21
C HIS B 132 14.36 3.98 27.53
N LYS B 133 14.30 5.28 27.73
CA LYS B 133 13.03 5.99 27.87
C LYS B 133 12.82 6.87 26.66
N ILE B 134 11.64 6.78 26.08
CA ILE B 134 11.33 7.59 24.92
C ILE B 134 10.09 8.44 25.24
N ASP B 135 10.24 9.74 25.03
CA ASP B 135 9.20 10.72 25.26
C ASP B 135 8.18 10.73 24.10
N THR B 136 6.88 10.61 24.41
CA THR B 136 5.81 10.73 23.40
C THR B 136 4.77 11.76 23.86
N PRO B 137 3.94 12.26 22.94
CA PRO B 137 2.86 13.16 23.38
C PRO B 137 1.93 12.58 24.48
N ALA B 138 1.90 11.26 24.67
CA ALA B 138 1.06 10.67 25.70
C ALA B 138 1.85 10.16 26.91
N GLY B 139 3.06 10.68 27.09
CA GLY B 139 3.90 10.31 28.22
C GLY B 139 5.08 9.44 27.81
N PRO B 140 5.86 8.96 28.80
CA PRO B 140 7.06 8.15 28.55
C PRO B 140 6.72 6.72 28.20
N VAL B 141 7.56 6.11 27.36
CA VAL B 141 7.43 4.71 27.05
C VAL B 141 8.80 4.11 27.38
N SER B 142 8.78 3.01 28.11
CA SER B 142 10.00 2.31 28.48
C SER B 142 10.22 1.28 27.40
N ALA B 143 11.38 1.29 26.76
CA ALA B 143 11.71 0.23 25.81
C ALA B 143 13.12 -0.29 26.07
N THR B 144 13.25 -1.61 26.12
CA THR B 144 14.56 -2.20 26.25
C THR B 144 15.06 -2.74 24.95
N LEU B 145 16.25 -2.29 24.56
CA LEU B 145 16.93 -2.85 23.42
C LEU B 145 17.82 -3.96 23.92
N HIS B 146 17.54 -5.21 23.51
CA HIS B 146 18.31 -6.35 23.98
C HIS B 146 19.56 -6.55 23.14
N ASP B 147 20.51 -7.30 23.67
CA ASP B 147 21.79 -7.47 22.99
C ASP B 147 21.65 -8.20 21.65
N ASP B 148 20.54 -8.91 21.45
CA ASP B 148 20.33 -9.60 20.20
C ASP B 148 19.50 -8.75 19.23
N GLY B 149 19.20 -7.51 19.61
CA GLY B 149 18.53 -6.60 18.69
C GLY B 149 17.03 -6.53 18.86
N ALA B 150 16.46 -7.49 19.56
CA ALA B 150 15.03 -7.40 19.92
C ALA B 150 14.79 -6.21 20.80
N VAL B 151 13.52 -5.79 20.86
CA VAL B 151 13.10 -4.67 21.66
C VAL B 151 11.85 -5.08 22.43
N THR B 152 11.89 -4.86 23.74
CA THR B 152 10.70 -5.01 24.58
C THR B 152 10.18 -3.63 24.89
N VAL B 153 8.90 -3.45 24.61
CA VAL B 153 8.20 -2.23 24.97
C VAL B 153 7.19 -2.48 26.07
N ARG B 154 7.18 -1.63 27.08
CA ARG B 154 6.20 -1.74 28.14
C ARG B 154 4.90 -1.05 27.72
N ASN B 155 3.79 -1.79 27.71
CA ASN B 155 2.49 -1.30 27.24
C ASN B 155 1.77 -0.61 28.38
N VAL B 156 0.78 0.23 28.07
CA VAL B 156 -0.03 0.81 29.13
C VAL B 156 -0.80 -0.26 29.89
N LEU B 157 -1.33 0.15 31.03
CA LEU B 157 -2.14 -0.72 31.88
C LEU B 157 -3.31 -1.27 31.06
N SER B 158 -3.51 -2.58 31.15
CA SER B 158 -4.51 -3.25 30.32
C SER B 158 -5.48 -4.00 31.20
N TYR B 159 -6.73 -4.13 30.77
CA TYR B 159 -7.74 -4.75 31.62
C TYR B 159 -8.93 -5.22 30.81
N ARG B 160 -9.67 -6.19 31.37
CA ARG B 160 -10.89 -6.65 30.74
C ARG B 160 -12.07 -5.90 31.33
N HIS B 161 -12.91 -5.38 30.44
CA HIS B 161 -14.10 -4.63 30.84
C HIS B 161 -15.32 -5.54 31.00
N ARG B 162 -15.54 -6.43 30.02
CA ARG B 162 -16.63 -7.41 30.08
C ARG B 162 -16.20 -8.74 29.48
N ARG B 163 -16.85 -9.80 29.94
CA ARG B 163 -16.48 -11.17 29.62
C ARG B 163 -17.61 -11.85 28.87
N ARG B 164 -17.28 -12.48 27.75
CA ARG B 164 -18.22 -13.22 26.94
C ARG B 164 -19.51 -12.45 26.65
N VAL B 165 -19.38 -11.23 26.13
CA VAL B 165 -20.54 -10.49 25.69
C VAL B 165 -21.04 -11.04 24.36
N PRO B 166 -22.33 -11.37 24.32
CA PRO B 166 -22.96 -11.85 23.08
C PRO B 166 -23.28 -10.68 22.14
N VAL B 167 -23.05 -10.86 20.86
CA VAL B 167 -23.48 -9.87 19.89
C VAL B 167 -24.04 -10.56 18.66
N GLU B 168 -25.21 -10.09 18.23
CA GLU B 168 -25.91 -10.69 17.12
C GLU B 168 -25.49 -9.94 15.86
N VAL B 169 -24.77 -10.64 14.99
CA VAL B 169 -24.18 -10.00 13.81
C VAL B 169 -24.96 -10.36 12.57
N PRO B 170 -25.60 -9.37 11.92
CA PRO B 170 -26.40 -9.65 10.73
C PRO B 170 -25.57 -10.48 9.76
N GLY B 171 -26.06 -11.64 9.40
CA GLY B 171 -25.44 -12.43 8.35
C GLY B 171 -24.40 -13.41 8.84
N TYR B 172 -24.12 -13.39 10.15
CA TYR B 172 -23.13 -14.30 10.70
C TYR B 172 -23.62 -15.06 11.93
N GLY B 173 -24.62 -14.53 12.60
CA GLY B 173 -25.20 -15.22 13.73
C GLY B 173 -24.73 -14.57 15.02
N THR B 174 -24.68 -15.37 16.08
CA THR B 174 -24.34 -14.86 17.40
C THR B 174 -22.87 -15.08 17.75
N VAL B 175 -22.18 -13.99 18.01
CA VAL B 175 -20.77 -14.04 18.33
C VAL B 175 -20.52 -13.58 19.76
N HIS B 176 -19.64 -14.29 20.46
CA HIS B 176 -19.27 -13.93 21.83
C HIS B 176 -17.83 -13.45 21.81
N GLY B 177 -17.51 -12.54 22.73
CA GLY B 177 -16.14 -12.09 22.92
C GLY B 177 -15.96 -11.27 24.17
N ASP B 178 -14.71 -11.16 24.60
CA ASP B 178 -14.36 -10.26 25.69
C ASP B 178 -14.18 -8.84 25.15
N ILE B 179 -14.53 -7.86 25.97
CA ILE B 179 -14.23 -6.47 25.67
C ILE B 179 -13.12 -6.06 26.62
N ALA B 180 -11.98 -5.67 26.05
CA ALA B 180 -10.79 -5.35 26.81
C ALA B 180 -10.01 -4.18 26.21
N TRP B 181 -9.32 -3.48 27.10
CA TRP B 181 -8.47 -2.34 26.77
C TRP B 181 -7.01 -2.74 26.85
N GLY B 182 -6.25 -2.43 25.80
CA GLY B 182 -4.82 -2.72 25.72
C GLY B 182 -4.03 -1.51 25.21
N GLY B 183 -4.63 -0.34 25.29
CA GLY B 183 -4.13 0.82 24.58
C GLY B 183 -5.07 1.20 23.46
N ASN B 184 -5.91 0.24 23.07
CA ASN B 184 -7.09 0.49 22.27
C ASN B 184 -8.18 -0.43 22.77
N TRP B 185 -9.43 -0.13 22.41
CA TRP B 185 -10.55 -0.99 22.74
C TRP B 185 -10.67 -2.14 21.76
N PHE B 186 -10.75 -3.35 22.31
CA PHE B 186 -10.82 -4.58 21.53
C PHE B 186 -12.06 -5.43 21.89
N PHE B 187 -12.64 -6.08 20.87
CA PHE B 187 -13.51 -7.23 21.08
C PHE B 187 -12.68 -8.47 20.69
N LEU B 188 -12.39 -9.32 21.67
CA LEU B 188 -11.60 -10.56 21.43
C LEU B 188 -12.58 -11.72 21.31
N VAL B 189 -12.63 -12.29 20.13
CA VAL B 189 -13.66 -13.29 19.85
C VAL B 189 -13.37 -14.66 20.45
N SER B 190 -14.34 -15.13 21.23
CA SER B 190 -14.23 -16.40 21.95
C SER B 190 -14.07 -17.56 20.97
N ASP B 191 -15.01 -17.72 20.04
CA ASP B 191 -14.70 -18.51 18.86
C ASP B 191 -15.68 -18.45 17.67
N HIS B 192 -15.26 -19.16 16.63
CA HIS B 192 -15.59 -18.89 15.25
C HIS B 192 -14.92 -20.04 14.49
N ASP B 193 -15.41 -20.42 13.31
CA ASP B 193 -14.71 -21.48 12.57
C ASP B 193 -13.90 -20.93 11.40
N MET B 194 -13.69 -19.61 11.41
CA MET B 194 -12.80 -18.97 10.44
C MET B 194 -11.39 -19.55 10.56
N THR B 195 -10.73 -19.70 9.43
CA THR B 195 -9.37 -20.22 9.38
C THR B 195 -8.40 -19.05 9.21
N LEU B 196 -7.54 -18.85 10.20
CA LEU B 196 -6.70 -17.66 10.21
C LEU B 196 -5.49 -17.88 9.33
N GLU B 197 -5.69 -17.70 8.04
CA GLU B 197 -4.60 -17.81 7.11
C GLU B 197 -4.58 -16.52 6.29
N LEU B 198 -3.38 -16.15 5.86
CA LEU B 198 -3.19 -14.94 5.11
C LEU B 198 -4.05 -14.90 3.83
N ASP B 199 -4.26 -16.05 3.19
CA ASP B 199 -5.00 -16.04 1.92
C ASP B 199 -6.48 -15.76 2.14
N ASN B 200 -6.90 -15.76 3.40
CA ASN B 200 -8.32 -15.57 3.72
C ASN B 200 -8.62 -14.18 4.30
N VAL B 201 -7.71 -13.22 4.16
CA VAL B 201 -7.94 -11.92 4.79
C VAL B 201 -9.21 -11.21 4.32
N GLU B 202 -9.61 -11.41 3.06
CA GLU B 202 -10.85 -10.80 2.61
C GLU B 202 -12.07 -11.27 3.42
N ALA B 203 -12.24 -12.58 3.59
CA ALA B 203 -13.39 -13.06 4.36
C ALA B 203 -13.28 -12.64 5.84
N LEU B 204 -12.05 -12.60 6.36
CA LEU B 204 -11.84 -12.31 7.77
C LEU B 204 -12.18 -10.84 8.05
N THR B 205 -11.86 -10.00 7.07
CA THR B 205 -12.16 -8.57 7.13
C THR B 205 -13.66 -8.35 7.08
N ASP B 206 -14.32 -9.08 6.19
CA ASP B 206 -15.77 -8.95 6.06
C ASP B 206 -16.45 -9.30 7.38
N TYR B 207 -16.01 -10.41 7.99
CA TYR B 207 -16.58 -10.91 9.23
C TYR B 207 -16.30 -9.95 10.38
N THR B 208 -15.04 -9.60 10.57
CA THR B 208 -14.69 -8.71 11.68
C THR B 208 -15.29 -7.32 11.50
N TRP B 209 -15.36 -6.83 10.27
CA TRP B 209 -16.02 -5.53 10.04
C TRP B 209 -17.51 -5.59 10.41
N ALA B 210 -18.20 -6.69 10.07
CA ALA B 210 -19.61 -6.84 10.42
C ALA B 210 -19.78 -6.83 11.94
N ILE B 211 -18.89 -7.54 12.64
CA ILE B 211 -18.89 -7.59 14.10
C ILE B 211 -18.74 -6.18 14.65
N ARG B 212 -17.74 -5.47 14.15
CA ARG B 212 -17.49 -4.10 14.58
C ARG B 212 -18.71 -3.23 14.34
N GLN B 213 -19.34 -3.32 13.16
CA GLN B 213 -20.54 -2.50 12.93
C GLN B 213 -21.68 -2.89 13.86
N ALA B 214 -21.82 -4.21 14.11
CA ALA B 214 -22.88 -4.73 14.98
C ALA B 214 -22.77 -4.14 16.39
N LEU B 215 -21.57 -4.19 16.97
CA LEU B 215 -21.33 -3.63 18.29
C LEU B 215 -21.74 -2.16 18.37
N GLU B 216 -21.35 -1.39 17.34
CA GLU B 216 -21.62 0.06 17.34
C GLU B 216 -23.12 0.36 17.16
N ALA B 217 -23.82 -0.51 16.41
CA ALA B 217 -25.25 -0.36 16.21
C ALA B 217 -26.03 -0.70 17.46
N GLN B 218 -25.50 -1.62 18.26
CA GLN B 218 -26.17 -2.04 19.50
C GLN B 218 -25.59 -1.35 20.73
N SER B 219 -24.83 -0.28 20.50
CA SER B 219 -24.16 0.46 21.57
C SER B 219 -23.45 -0.45 22.58
N ILE B 220 -22.70 -1.41 22.05
CA ILE B 220 -21.81 -2.26 22.86
C ILE B 220 -20.41 -1.64 22.77
N THR B 221 -19.91 -1.17 23.91
CA THR B 221 -18.75 -0.28 23.97
C THR B 221 -17.84 -0.71 25.08
N GLY B 222 -16.68 -0.06 25.17
CA GLY B 222 -15.85 -0.21 26.34
C GLY B 222 -16.41 0.62 27.47
N GLU B 223 -15.65 0.73 28.57
CA GLU B 223 -16.05 1.57 29.67
C GLU B 223 -16.27 2.94 29.04
N ASN B 224 -16.94 3.85 29.73
CA ASN B 224 -17.03 5.26 29.32
C ASN B 224 -17.46 5.47 27.86
N GLY B 225 -18.22 4.52 27.33
CA GLY B 225 -18.72 4.61 25.97
C GLY B 225 -17.69 4.51 24.85
N GLY B 226 -16.49 4.05 25.17
CA GLY B 226 -15.40 4.01 24.20
C GLY B 226 -15.70 3.08 23.04
N VAL B 227 -15.54 3.60 21.82
CA VAL B 227 -15.82 2.83 20.62
C VAL B 227 -14.86 1.66 20.48
N ILE B 228 -15.42 0.47 20.25
CA ILE B 228 -14.63 -0.72 20.03
C ILE B 228 -14.28 -0.75 18.56
N ASP B 229 -13.10 -0.23 18.24
CA ASP B 229 -12.69 -0.07 16.85
C ASP B 229 -11.67 -1.11 16.37
N HIS B 230 -11.33 -2.06 17.23
CA HIS B 230 -10.46 -3.18 16.85
C HIS B 230 -11.16 -4.48 17.19
N ILE B 231 -11.04 -5.46 16.30
CA ILE B 231 -11.61 -6.78 16.49
C ILE B 231 -10.48 -7.80 16.33
N GLU B 232 -10.37 -8.74 17.26
CA GLU B 232 -9.33 -9.77 17.22
C GLU B 232 -9.94 -11.15 17.23
N LEU B 233 -9.48 -12.01 16.33
CA LEU B 233 -9.82 -13.41 16.32
C LEU B 233 -8.57 -14.20 16.70
N PHE B 234 -8.76 -15.33 17.38
CA PHE B 234 -7.66 -16.20 17.77
C PHE B 234 -7.85 -17.63 17.31
N CYS B 235 -6.75 -18.33 17.07
CA CYS B 235 -6.85 -19.75 16.84
C CYS B 235 -5.57 -20.38 17.32
N ASP B 236 -5.51 -21.70 17.33
CA ASP B 236 -4.30 -22.38 17.76
C ASP B 236 -3.21 -22.27 16.70
N ASP B 237 -1.97 -22.45 17.13
CA ASP B 237 -0.82 -22.40 16.23
C ASP B 237 0.07 -23.58 16.59
N ARG B 238 0.78 -24.12 15.60
CA ARG B 238 1.61 -25.31 15.84
C ARG B 238 2.84 -24.98 16.69
N GLU B 239 3.25 -23.73 16.68
CA GLU B 239 4.48 -23.36 17.36
C GLU B 239 4.21 -22.37 18.49
N ALA B 240 3.35 -21.39 18.21
CA ALA B 240 3.03 -20.35 19.20
C ALA B 240 1.81 -20.74 20.04
N ASP B 241 1.61 -20.03 21.13
CA ASP B 241 0.46 -20.24 21.99
C ASP B 241 -0.86 -19.91 21.28
N SER B 242 -0.78 -19.13 20.20
CA SER B 242 -1.98 -18.61 19.54
C SER B 242 -1.61 -17.90 18.26
N ARG B 243 -2.57 -17.78 17.35
CA ARG B 243 -2.38 -16.95 16.15
C ARG B 243 -3.60 -16.08 16.08
N ASN B 244 -3.43 -14.83 15.64
CA ASN B 244 -4.58 -13.99 15.51
C ASN B 244 -4.76 -13.34 14.16
N PHE B 245 -5.91 -12.70 14.04
CA PHE B 245 -6.23 -11.80 12.95
C PHE B 245 -6.82 -10.58 13.64
N VAL B 246 -6.32 -9.41 13.28
CA VAL B 246 -6.74 -8.18 13.94
C VAL B 246 -7.23 -7.13 12.96
N LEU B 247 -8.51 -6.81 13.05
CA LEU B 247 -9.09 -5.72 12.26
C LEU B 247 -8.79 -4.41 12.95
N CYS B 248 -8.17 -3.49 12.23
CA CYS B 248 -7.88 -2.16 12.77
C CYS B 248 -8.76 -1.12 12.10
N PRO B 249 -8.77 0.11 12.63
CA PRO B 249 -9.61 1.14 12.00
C PRO B 249 -9.28 1.26 10.50
N GLY B 250 -10.27 1.54 9.68
CA GLY B 250 -10.06 1.65 8.25
C GLY B 250 -10.20 0.33 7.51
N LYS B 251 -10.88 -0.65 8.10
CA LYS B 251 -10.94 -1.99 7.50
C LYS B 251 -9.56 -2.51 7.07
N ALA B 252 -8.52 -2.17 7.83
CA ALA B 252 -7.17 -2.63 7.59
C ALA B 252 -6.86 -3.77 8.54
N TYR B 253 -5.91 -4.63 8.21
CA TYR B 253 -5.51 -5.66 9.16
C TYR B 253 -4.07 -5.50 9.58
N ASP B 254 -3.77 -5.90 10.80
CA ASP B 254 -2.41 -5.75 11.32
C ASP B 254 -1.57 -6.90 10.76
N ARG B 255 -0.41 -6.61 10.17
CA ARG B 255 0.47 -7.71 9.75
C ARG B 255 1.19 -8.35 10.95
N SER B 256 1.35 -7.58 12.02
CA SER B 256 1.98 -8.10 13.24
C SER B 256 0.93 -8.70 14.19
N PRO B 257 1.37 -9.34 15.27
CA PRO B 257 0.43 -9.83 16.29
C PRO B 257 -0.34 -8.75 17.06
N CYS B 258 0.00 -7.48 16.85
CA CYS B 258 -0.71 -6.33 17.41
C CYS B 258 -0.37 -6.21 18.90
N GLY B 259 0.51 -5.26 19.22
CA GLY B 259 1.00 -5.11 20.59
C GLY B 259 -0.12 -4.72 21.54
N THR B 260 -1.03 -3.86 21.13
CA THR B 260 -2.13 -3.48 22.03
C THR B 260 -3.16 -4.58 22.12
N GLY B 261 -3.39 -5.31 21.03
CA GLY B 261 -4.35 -6.40 21.01
C GLY B 261 -3.83 -7.61 21.76
N THR B 262 -2.52 -7.76 21.78
CA THR B 262 -1.91 -8.83 22.56
C THR B 262 -1.91 -8.43 24.03
N SER B 263 -1.72 -7.14 24.32
CA SER B 263 -1.85 -6.65 25.71
C SER B 263 -3.26 -6.92 26.24
N ALA B 264 -4.27 -6.60 25.43
CA ALA B 264 -5.65 -6.87 25.76
C ALA B 264 -5.91 -8.35 26.01
N LYS B 265 -5.34 -9.19 25.16
CA LYS B 265 -5.47 -10.63 25.30
C LYS B 265 -4.86 -11.12 26.61
N LEU B 266 -3.65 -10.66 26.93
CA LEU B 266 -3.02 -11.04 28.19
C LEU B 266 -3.95 -10.68 29.35
N ALA B 267 -4.51 -9.47 29.29
CA ALA B 267 -5.42 -9.03 30.35
C ALA B 267 -6.55 -10.03 30.58
N CYS B 268 -7.07 -10.58 29.49
CA CYS B 268 -8.16 -11.55 29.57
C CYS B 268 -7.68 -12.88 30.14
N LEU B 269 -6.53 -13.31 29.64
CA LEU B 269 -5.90 -14.53 30.13
C LEU B 269 -5.62 -14.42 31.62
N ALA B 270 -5.15 -13.24 32.03
CA ALA B 270 -4.76 -13.03 33.41
C ALA B 270 -6.02 -13.09 34.30
N ALA B 271 -7.08 -12.43 33.84
CA ALA B 271 -8.34 -12.40 34.57
C ALA B 271 -8.92 -13.80 34.68
N ASP B 272 -8.72 -14.62 33.65
CA ASP B 272 -9.23 -15.99 33.66
C ASP B 272 -8.31 -16.96 34.40
N GLY B 273 -7.16 -16.47 34.88
CA GLY B 273 -6.19 -17.28 35.57
C GLY B 273 -5.57 -18.34 34.67
N LYS B 274 -5.41 -17.98 33.40
CA LYS B 274 -4.87 -18.86 32.39
C LYS B 274 -3.41 -18.52 32.12
N LEU B 275 -2.95 -17.40 32.67
CA LEU B 275 -1.56 -16.97 32.50
C LEU B 275 -1.09 -16.20 33.73
N ALA B 276 0.07 -16.60 34.25
CA ALA B 276 0.60 -16.04 35.48
C ALA B 276 1.57 -14.91 35.20
N PRO B 277 1.74 -14.00 36.16
CA PRO B 277 2.70 -12.91 36.09
C PRO B 277 4.10 -13.40 35.72
N GLY B 278 4.66 -12.87 34.63
CA GLY B 278 6.00 -13.26 34.21
C GLY B 278 6.05 -14.45 33.29
N GLN B 279 4.94 -15.19 33.21
CA GLN B 279 4.86 -16.32 32.29
C GLN B 279 4.80 -15.76 30.87
N VAL B 280 5.68 -16.25 29.99
CA VAL B 280 5.72 -15.77 28.60
C VAL B 280 4.63 -16.40 27.73
N TRP B 281 3.97 -15.57 26.93
CA TRP B 281 2.99 -16.02 25.97
C TRP B 281 3.54 -15.63 24.62
N THR B 282 3.44 -16.53 23.66
CA THR B 282 3.92 -16.22 22.33
C THR B 282 2.75 -16.13 21.36
N GLN B 283 2.64 -14.99 20.68
CA GLN B 283 1.50 -14.72 19.81
C GLN B 283 1.97 -14.62 18.37
N ALA B 284 1.44 -15.51 17.50
CA ALA B 284 1.75 -15.45 16.06
C ALA B 284 0.73 -14.54 15.39
N SER B 285 1.15 -13.88 14.32
CA SER B 285 0.25 -13.05 13.55
C SER B 285 -0.32 -13.79 12.33
N ILE B 286 -1.19 -13.08 11.60
CA ILE B 286 -1.80 -13.63 10.41
C ILE B 286 -0.77 -13.95 9.34
N CYS B 287 0.41 -13.35 9.42
CA CYS B 287 1.45 -13.66 8.44
C CYS B 287 2.57 -14.52 9.03
N GLY B 288 2.35 -15.02 10.25
CA GLY B 288 3.29 -15.94 10.87
C GLY B 288 4.44 -15.30 11.59
N SER B 289 4.41 -13.98 11.77
CA SER B 289 5.43 -13.31 12.56
C SER B 289 5.02 -13.39 14.03
N ARG B 290 5.95 -13.13 14.95
CA ARG B 290 5.73 -13.40 16.35
C ARG B 290 6.16 -12.31 17.31
N PHE B 291 5.39 -12.17 18.37
CA PHE B 291 5.76 -11.37 19.53
C PHE B 291 5.79 -12.30 20.75
N GLU B 292 6.63 -11.97 21.73
CA GLU B 292 6.54 -12.58 23.06
C GLU B 292 5.94 -11.56 24.01
N ALA B 293 5.12 -12.03 24.94
CA ALA B 293 4.40 -11.13 25.85
C ALA B 293 4.37 -11.69 27.27
N PHE B 294 4.36 -10.80 28.27
CA PHE B 294 4.21 -11.21 29.64
C PHE B 294 3.71 -9.99 30.40
N TYR B 295 3.25 -10.18 31.62
CA TYR B 295 2.70 -9.07 32.40
C TYR B 295 3.09 -9.13 33.87
N GLU B 296 2.99 -8.00 34.55
CA GLU B 296 3.01 -8.01 36.02
C GLU B 296 1.74 -7.30 36.46
N ARG B 297 1.28 -7.57 37.68
CA ARG B 297 0.00 -7.04 38.11
C ARG B 297 0.14 -5.57 38.51
N GLU B 298 -0.90 -4.80 38.25
CA GLU B 298 -0.90 -3.37 38.59
C GLU B 298 -2.34 -2.89 38.77
N GLY B 299 -2.77 -2.87 40.02
CA GLY B 299 -4.17 -2.61 40.35
C GLY B 299 -5.01 -3.82 40.02
N ASP B 300 -6.22 -3.60 39.52
CA ASP B 300 -7.08 -4.69 39.08
C ASP B 300 -6.88 -4.91 37.58
N GLY B 301 -5.78 -4.38 37.05
CA GLY B 301 -5.44 -4.55 35.65
C GLY B 301 -4.05 -5.16 35.56
N ILE B 302 -3.46 -5.11 34.39
CA ILE B 302 -2.13 -5.69 34.24
C ILE B 302 -1.21 -4.70 33.56
N ARG B 303 0.08 -4.87 33.78
CA ARG B 303 1.07 -4.14 33.01
C ARG B 303 1.77 -5.12 32.07
N PRO B 304 1.39 -5.13 30.77
CA PRO B 304 2.05 -6.08 29.88
C PRO B 304 3.30 -5.51 29.21
N SER B 305 4.20 -6.39 28.85
CA SER B 305 5.35 -6.04 28.03
C SER B 305 5.33 -6.90 26.79
N ILE B 306 5.69 -6.31 25.67
CA ILE B 306 5.63 -6.91 24.36
C ILE B 306 7.01 -6.80 23.76
N LYS B 307 7.55 -7.94 23.36
CA LYS B 307 8.87 -8.06 22.76
C LYS B 307 8.73 -8.48 21.29
N GLY B 308 9.38 -7.74 20.40
CA GLY B 308 9.40 -8.12 19.01
C GLY B 308 10.64 -7.61 18.34
N ARG B 309 10.69 -7.77 17.03
N ARG B 309 10.70 -7.77 17.03
CA ARG B 309 11.87 -7.38 16.28
CA ARG B 309 11.89 -7.38 16.27
C ARG B 309 11.48 -6.56 15.06
C ARG B 309 11.54 -6.63 15.02
N ALA B 310 12.32 -5.59 14.73
CA ALA B 310 12.14 -4.80 13.51
C ALA B 310 13.37 -4.94 12.63
N TYR B 311 13.11 -4.86 11.33
CA TYR B 311 14.13 -4.98 10.32
C TYR B 311 14.01 -3.83 9.31
N LEU B 312 15.14 -3.43 8.71
CA LEU B 312 15.10 -2.25 7.82
C LEU B 312 14.48 -2.63 6.49
N SER B 313 13.81 -1.66 5.87
CA SER B 313 13.23 -1.81 4.52
C SER B 313 13.90 -0.86 3.52
N ALA B 314 14.16 0.35 3.95
CA ALA B 314 14.76 1.35 3.04
C ALA B 314 15.31 2.55 3.78
N ASP B 315 16.31 3.14 3.16
CA ASP B 315 16.87 4.42 3.55
C ASP B 315 16.57 5.37 2.42
N ALA B 316 15.67 6.34 2.65
CA ALA B 316 15.08 7.03 1.53
C ALA B 316 15.02 8.53 1.72
N THR B 317 15.13 9.21 0.59
CA THR B 317 14.82 10.63 0.57
C THR B 317 13.50 10.85 -0.11
N LEU B 318 12.45 11.19 0.64
CA LEU B 318 11.18 11.49 0.04
C LEU B 318 11.31 12.83 -0.67
N LEU B 319 10.63 12.98 -1.79
CA LEU B 319 10.79 14.15 -2.62
C LEU B 319 9.42 14.71 -2.88
N ILE B 320 9.27 15.99 -2.65
CA ILE B 320 7.98 16.65 -2.83
C ILE B 320 8.16 17.78 -3.83
N ASP B 321 7.58 17.58 -4.99
CA ASP B 321 7.68 18.52 -6.11
C ASP B 321 6.44 19.41 -6.06
N GLU B 322 6.65 20.71 -5.88
CA GLU B 322 5.48 21.60 -5.74
C GLU B 322 4.61 21.63 -7.00
N ARG B 323 5.14 21.25 -8.14
CA ARG B 323 4.33 21.19 -9.37
C ARG B 323 3.27 20.05 -9.34
N ASP B 324 3.53 19.02 -8.53
CA ASP B 324 2.68 17.83 -8.42
C ASP B 324 1.33 18.15 -7.79
N PRO B 325 0.21 17.89 -8.52
CA PRO B 325 -1.12 18.09 -7.91
C PRO B 325 -1.31 17.23 -6.67
N PHE B 326 -0.58 16.13 -6.58
CA PHE B 326 -0.68 15.26 -5.42
C PHE B 326 0.55 15.38 -4.52
N ALA B 327 1.28 16.49 -4.62
CA ALA B 327 2.47 16.69 -3.78
C ALA B 327 2.25 16.33 -2.32
N TRP B 328 1.11 16.78 -1.78
CA TRP B 328 0.84 16.64 -0.33
C TRP B 328 -0.18 15.55 -0.08
N GLY B 329 -0.25 14.62 -1.04
CA GLY B 329 -1.06 13.43 -0.91
C GLY B 329 -2.35 13.50 -1.68
N ILE B 330 -2.84 12.34 -2.07
CA ILE B 330 -4.18 12.23 -2.67
C ILE B 330 -5.23 12.30 -1.55
NA NA C . -17.29 17.07 -19.40
#